data_1MX3
#
_entry.id   1MX3
#
_cell.length_a   89.100
_cell.length_b   89.100
_cell.length_c   164.000
_cell.angle_alpha   90.00
_cell.angle_beta   90.00
_cell.angle_gamma   120.00
#
_symmetry.space_group_name_H-M   'P 64 2 2'
#
loop_
_entity.id
_entity.type
_entity.pdbx_description
1 polymer 'C-terminal binding protein 1'
2 non-polymer NICOTINAMIDE-ADENINE-DINUCLEOTIDE
3 non-polymer 'ACETIC ACID'
4 water water
#
_entity_poly.entity_id   1
_entity_poly.type   'polypeptide(L)'
_entity_poly.pdbx_seq_one_letter_code
;MGSSHHHHHHSSGLVPRGSHMPLVALLDGRDCTVEMPILKDVATVAFCDAQSTQEIHEKVLNEAVGALMYHTITLTREDL
EKFKALRIIVRIGSGFDNIDIKSAGDLGIAVCNVPAASVEETADSTLCHILNLYRRATWLHQALREGTRVQSVEQIREVA
SGAARIRGETLGIIGLGRVGQAVALRAKAFGFNVLFYDPYLSDGVERALGLQRVSTLQDLLFHSDCVTLHCGLNEHNHHL
INDFTVKQMRQGAFLVNTARGGLVDEKALAQALKEGRIRGAALDVHESEPFSFSQGPLKDAPNLICTPHAAWYSEQASIE
MREEAAREIRRAITGRIPDSLKNCVNK
;
_entity_poly.pdbx_strand_id   A
#
loop_
_chem_comp.id
_chem_comp.type
_chem_comp.name
_chem_comp.formula
ACY non-polymer 'ACETIC ACID' 'C2 H4 O2'
NAD non-polymer NICOTINAMIDE-ADENINE-DINUCLEOTIDE 'C21 H27 N7 O14 P2'
#
# COMPACT_ATOMS: atom_id res chain seq x y z
N MET A 21 19.87 -0.66 29.89
CA MET A 21 18.93 -1.46 29.06
C MET A 21 19.32 -1.40 27.60
N PRO A 22 18.74 -2.28 26.77
CA PRO A 22 19.04 -2.29 25.33
C PRO A 22 18.45 -1.04 24.70
N LEU A 23 19.06 -0.56 23.62
CA LEU A 23 18.58 0.62 22.92
C LEU A 23 17.71 0.22 21.73
N VAL A 24 16.55 0.85 21.62
CA VAL A 24 15.63 0.61 20.50
C VAL A 24 15.33 1.98 19.92
N ALA A 25 15.43 2.11 18.60
CA ALA A 25 15.20 3.40 17.97
C ALA A 25 14.13 3.42 16.91
N LEU A 26 13.35 4.50 16.90
CA LEU A 26 12.30 4.69 15.89
C LEU A 26 13.13 5.40 14.82
N LEU A 27 13.32 4.75 13.67
CA LEU A 27 14.15 5.35 12.62
C LEU A 27 13.55 6.55 11.91
N ASP A 28 12.41 6.36 11.25
CA ASP A 28 11.79 7.45 10.51
C ASP A 28 10.54 8.03 11.17
N GLY A 29 10.67 8.39 12.44
CA GLY A 29 9.56 8.96 13.18
C GLY A 29 10.09 9.72 14.38
N ARG A 30 9.22 10.48 15.03
CA ARG A 30 9.62 11.24 16.19
C ARG A 30 8.75 10.93 17.40
N ASP A 31 7.49 10.55 17.15
CA ASP A 31 6.56 10.24 18.23
C ASP A 31 6.70 8.79 18.72
N CYS A 32 6.91 8.62 20.02
CA CYS A 32 7.06 7.29 20.63
C CYS A 32 6.16 7.18 21.84
N THR A 33 5.16 8.04 21.92
CA THR A 33 4.25 8.05 23.07
C THR A 33 3.46 6.76 23.29
N VAL A 34 3.02 6.14 22.21
CA VAL A 34 2.23 4.91 22.30
C VAL A 34 3.11 3.73 22.71
N GLU A 35 4.35 3.73 22.25
CA GLU A 35 5.26 2.63 22.55
C GLU A 35 5.89 2.65 23.95
N MET A 36 6.05 3.84 24.51
CA MET A 36 6.69 4.00 25.82
C MET A 36 6.20 3.13 26.98
N PRO A 37 4.89 3.12 27.25
CA PRO A 37 4.44 2.28 28.38
C PRO A 37 4.70 0.79 28.24
N ILE A 38 4.77 0.32 27.00
CA ILE A 38 5.01 -1.09 26.73
C ILE A 38 6.50 -1.43 26.83
N LEU A 39 7.36 -0.46 26.51
CA LEU A 39 8.80 -0.68 26.54
C LEU A 39 9.53 -0.01 27.70
N LYS A 40 8.79 0.56 28.64
CA LYS A 40 9.42 1.26 29.75
C LYS A 40 10.54 0.52 30.48
N ASP A 41 10.23 -0.64 31.04
CA ASP A 41 11.25 -1.41 31.76
C ASP A 41 12.00 -2.38 30.87
N VAL A 42 11.90 -2.21 29.56
CA VAL A 42 12.54 -3.14 28.62
C VAL A 42 13.68 -2.56 27.81
N ALA A 43 13.50 -1.36 27.29
CA ALA A 43 14.54 -0.77 26.47
C ALA A 43 14.55 0.75 26.52
N THR A 44 15.71 1.32 26.23
CA THR A 44 15.84 2.76 26.18
C THR A 44 15.31 3.08 24.79
N VAL A 45 14.39 4.03 24.70
CA VAL A 45 13.81 4.38 23.41
C VAL A 45 14.26 5.75 22.95
N ALA A 46 14.67 5.83 21.69
CA ALA A 46 15.12 7.07 21.09
C ALA A 46 14.55 7.11 19.68
N PHE A 47 14.48 8.30 19.10
CA PHE A 47 13.98 8.42 17.74
C PHE A 47 14.99 9.19 16.88
N CYS A 48 14.90 9.00 15.58
CA CYS A 48 15.82 9.67 14.66
C CYS A 48 15.11 10.64 13.73
N ASP A 49 13.82 10.39 13.49
CA ASP A 49 13.04 11.24 12.60
C ASP A 49 13.82 11.43 11.30
N ALA A 50 14.46 10.35 10.86
CA ALA A 50 15.29 10.35 9.66
C ALA A 50 14.54 10.02 8.38
N GLN A 51 14.91 10.72 7.31
CA GLN A 51 14.32 10.48 6.00
C GLN A 51 15.27 9.54 5.25
N SER A 52 16.50 9.45 5.74
CA SER A 52 17.52 8.60 5.13
C SER A 52 18.44 8.02 6.20
N THR A 53 19.36 7.16 5.77
CA THR A 53 20.31 6.53 6.66
C THR A 53 21.32 7.53 7.23
N GLN A 54 21.82 8.40 6.38
CA GLN A 54 22.80 9.39 6.79
C GLN A 54 22.29 10.34 7.87
N GLU A 55 21.01 10.24 8.20
CA GLU A 55 20.42 11.10 9.23
C GLU A 55 20.26 10.37 10.57
N ILE A 56 20.77 9.14 10.64
CA ILE A 56 20.69 8.35 11.86
C ILE A 56 21.99 8.50 12.66
N HIS A 57 21.91 9.21 13.77
CA HIS A 57 23.09 9.44 14.62
C HIS A 57 23.91 8.19 14.89
N GLU A 58 25.22 8.39 15.02
CA GLU A 58 26.19 7.34 15.25
C GLU A 58 25.87 6.42 16.42
N LYS A 59 25.33 6.98 17.50
CA LYS A 59 25.00 6.19 18.67
C LYS A 59 24.04 5.05 18.33
N VAL A 60 23.03 5.34 17.51
CA VAL A 60 22.06 4.34 17.13
C VAL A 60 22.73 3.23 16.34
N LEU A 61 23.45 3.60 15.28
CA LEU A 61 24.13 2.63 14.45
C LEU A 61 24.98 1.66 15.27
N ASN A 62 25.72 2.21 16.24
CA ASN A 62 26.58 1.39 17.07
C ASN A 62 25.91 0.57 18.16
N GLU A 63 24.91 1.13 18.83
CA GLU A 63 24.26 0.42 19.94
C GLU A 63 22.86 -0.15 19.78
N ALA A 64 22.08 0.40 18.86
CA ALA A 64 20.71 -0.06 18.66
C ALA A 64 20.59 -1.57 18.56
N VAL A 65 19.82 -2.16 19.46
CA VAL A 65 19.58 -3.61 19.47
C VAL A 65 18.31 -3.87 18.66
N GLY A 66 17.44 -2.87 18.62
CA GLY A 66 16.21 -3.01 17.88
C GLY A 66 15.84 -1.72 17.18
N ALA A 67 15.05 -1.84 16.11
CA ALA A 67 14.62 -0.68 15.37
C ALA A 67 13.15 -0.81 14.99
N LEU A 68 12.45 0.32 15.04
CA LEU A 68 11.05 0.38 14.68
C LEU A 68 11.03 1.32 13.50
N MET A 69 10.38 0.93 12.41
CA MET A 69 10.34 1.83 11.27
C MET A 69 9.07 1.75 10.47
N TYR A 70 8.72 2.87 9.84
CA TYR A 70 7.54 2.94 9.00
C TYR A 70 7.96 2.66 7.56
N HIS A 71 7.20 3.19 6.60
CA HIS A 71 7.49 2.94 5.18
C HIS A 71 8.24 4.06 4.45
N THR A 72 8.58 5.13 5.15
CA THR A 72 9.23 6.28 4.51
C THR A 72 10.74 6.23 4.32
N ILE A 73 11.37 5.22 4.91
CA ILE A 73 12.82 5.08 4.79
C ILE A 73 13.12 3.69 4.24
N THR A 74 14.22 3.58 3.51
CA THR A 74 14.61 2.31 2.94
C THR A 74 15.92 1.83 3.56
N LEU A 75 16.04 0.53 3.76
CA LEU A 75 17.26 -0.03 4.31
C LEU A 75 17.84 -1.07 3.35
N THR A 76 18.91 -0.70 2.67
CA THR A 76 19.55 -1.61 1.73
C THR A 76 20.57 -2.41 2.53
N ARG A 77 21.32 -3.28 1.85
CA ARG A 77 22.33 -4.08 2.52
C ARG A 77 23.39 -3.14 3.10
N GLU A 78 23.75 -2.12 2.33
CA GLU A 78 24.75 -1.15 2.75
C GLU A 78 24.33 -0.46 4.04
N ASP A 79 23.06 -0.09 4.11
CA ASP A 79 22.52 0.58 5.29
C ASP A 79 22.53 -0.37 6.48
N LEU A 80 22.01 -1.58 6.27
CA LEU A 80 21.95 -2.57 7.34
C LEU A 80 23.33 -2.89 7.92
N GLU A 81 24.35 -2.89 7.07
CA GLU A 81 25.72 -3.19 7.50
C GLU A 81 26.31 -2.13 8.43
N LYS A 82 25.67 -0.96 8.47
CA LYS A 82 26.16 0.12 9.32
C LYS A 82 25.78 -0.07 10.79
N PHE A 83 24.74 -0.86 11.04
CA PHE A 83 24.33 -1.14 12.41
C PHE A 83 25.27 -2.21 12.92
N LYS A 84 25.77 -2.05 14.15
CA LYS A 84 26.69 -3.03 14.69
C LYS A 84 26.12 -3.92 15.78
N ALA A 85 24.99 -3.53 16.35
CA ALA A 85 24.37 -4.33 17.41
C ALA A 85 22.93 -4.71 17.08
N LEU A 86 22.39 -4.14 16.01
CA LEU A 86 21.00 -4.41 15.62
C LEU A 86 20.66 -5.89 15.44
N ARG A 87 19.65 -6.35 16.17
CA ARG A 87 19.20 -7.74 16.08
C ARG A 87 17.78 -7.87 15.56
N ILE A 88 17.02 -6.78 15.56
CA ILE A 88 15.65 -6.84 15.06
C ILE A 88 15.08 -5.53 14.53
N ILE A 89 14.33 -5.64 13.45
CA ILE A 89 13.67 -4.50 12.83
C ILE A 89 12.19 -4.84 12.81
N VAL A 90 11.35 -3.91 13.23
CA VAL A 90 9.91 -4.15 13.22
C VAL A 90 9.24 -3.04 12.43
N ARG A 91 8.64 -3.42 11.31
CA ARG A 91 7.92 -2.47 10.47
C ARG A 91 6.55 -2.20 11.09
N ILE A 92 6.28 -0.95 11.44
CA ILE A 92 4.98 -0.59 12.00
C ILE A 92 4.04 -0.47 10.80
N GLY A 93 3.67 -1.63 10.26
CA GLY A 93 2.81 -1.70 9.08
C GLY A 93 2.94 -3.11 8.52
N SER A 94 2.36 -3.36 7.35
CA SER A 94 2.42 -4.69 6.77
C SER A 94 3.48 -4.88 5.69
N GLY A 95 3.63 -3.89 4.81
CA GLY A 95 4.61 -4.00 3.74
C GLY A 95 6.04 -3.82 4.23
N PHE A 96 6.92 -4.71 3.81
CA PHE A 96 8.33 -4.65 4.20
C PHE A 96 9.26 -4.67 2.98
N ASP A 97 8.77 -4.14 1.86
CA ASP A 97 9.58 -4.08 0.64
C ASP A 97 10.62 -2.95 0.72
N ASN A 98 10.52 -2.11 1.75
CA ASN A 98 11.48 -1.02 1.90
C ASN A 98 12.69 -1.48 2.68
N ILE A 99 12.74 -2.79 2.93
CA ILE A 99 13.85 -3.40 3.65
C ILE A 99 14.34 -4.59 2.84
N ASP A 100 15.65 -4.83 2.88
CA ASP A 100 16.23 -5.97 2.19
C ASP A 100 16.29 -7.08 3.24
N ILE A 101 15.14 -7.73 3.47
CA ILE A 101 15.05 -8.78 4.48
C ILE A 101 15.99 -9.96 4.29
N LYS A 102 16.35 -10.21 3.04
CA LYS A 102 17.25 -11.30 2.71
C LYS A 102 18.63 -10.99 3.26
N SER A 103 19.08 -9.75 3.06
CA SER A 103 20.39 -9.33 3.56
C SER A 103 20.32 -9.17 5.07
N ALA A 104 19.18 -8.73 5.57
CA ALA A 104 18.99 -8.56 7.01
C ALA A 104 19.15 -9.95 7.62
N GLY A 105 18.57 -10.94 6.96
CA GLY A 105 18.66 -12.30 7.43
C GLY A 105 20.10 -12.80 7.42
N ASP A 106 20.88 -12.33 6.45
CA ASP A 106 22.28 -12.72 6.33
C ASP A 106 23.09 -12.08 7.44
N LEU A 107 22.74 -10.85 7.78
CA LEU A 107 23.42 -10.11 8.83
C LEU A 107 22.88 -10.49 10.21
N GLY A 108 22.10 -11.56 10.26
CA GLY A 108 21.54 -12.03 11.51
C GLY A 108 20.50 -11.09 12.10
N ILE A 109 19.80 -10.36 11.24
CA ILE A 109 18.79 -9.42 11.70
C ILE A 109 17.37 -9.88 11.37
N ALA A 110 16.56 -10.11 12.40
CA ALA A 110 15.18 -10.54 12.21
C ALA A 110 14.33 -9.36 11.76
N VAL A 111 13.41 -9.61 10.84
CA VAL A 111 12.52 -8.56 10.36
C VAL A 111 11.08 -9.02 10.60
N CYS A 112 10.26 -8.11 11.15
CA CYS A 112 8.86 -8.42 11.45
C CYS A 112 7.97 -7.30 10.97
N ASN A 113 6.67 -7.57 10.91
CA ASN A 113 5.71 -6.55 10.49
C ASN A 113 4.44 -6.68 11.33
N VAL A 114 3.46 -5.83 11.04
CA VAL A 114 2.17 -5.85 11.74
C VAL A 114 1.17 -5.95 10.58
N PRO A 115 0.81 -7.17 10.19
CA PRO A 115 -0.11 -7.44 9.08
C PRO A 115 -1.62 -7.17 9.21
N ALA A 116 -2.16 -7.20 10.41
CA ALA A 116 -3.61 -7.06 10.59
C ALA A 116 -4.33 -5.75 10.89
N ALA A 117 -3.66 -4.82 11.55
CA ALA A 117 -4.28 -3.56 11.97
C ALA A 117 -5.03 -2.68 10.95
N SER A 118 -4.51 -2.58 9.73
CA SER A 118 -5.14 -1.72 8.72
C SER A 118 -5.82 -2.42 7.54
N VAL A 119 -6.15 -3.70 7.66
CA VAL A 119 -6.78 -4.40 6.56
C VAL A 119 -8.08 -3.75 6.09
N GLU A 120 -9.00 -3.53 7.02
CA GLU A 120 -10.30 -2.92 6.72
C GLU A 120 -10.20 -1.47 6.31
N GLU A 121 -9.29 -0.72 6.95
CA GLU A 121 -9.10 0.68 6.60
C GLU A 121 -8.70 0.79 5.13
N THR A 122 -7.75 -0.05 4.73
CA THR A 122 -7.25 -0.05 3.36
C THR A 122 -8.30 -0.50 2.35
N ALA A 123 -9.06 -1.54 2.70
CA ALA A 123 -10.11 -2.04 1.82
C ALA A 123 -11.18 -0.95 1.66
N ASP A 124 -11.53 -0.28 2.76
CA ASP A 124 -12.53 0.77 2.70
C ASP A 124 -12.06 1.96 1.86
N SER A 125 -10.77 2.26 1.93
CA SER A 125 -10.22 3.36 1.15
C SER A 125 -10.21 2.94 -0.30
N THR A 126 -9.94 1.66 -0.54
CA THR A 126 -9.94 1.16 -1.91
C THR A 126 -11.33 1.30 -2.51
N LEU A 127 -12.36 0.89 -1.77
CA LEU A 127 -13.73 1.00 -2.26
C LEU A 127 -14.09 2.45 -2.48
N CYS A 128 -13.53 3.34 -1.65
CA CYS A 128 -13.81 4.78 -1.78
C CYS A 128 -13.27 5.27 -3.11
N HIS A 129 -12.04 4.89 -3.44
CA HIS A 129 -11.42 5.29 -4.71
C HIS A 129 -12.16 4.69 -5.90
N ILE A 130 -12.59 3.43 -5.77
CA ILE A 130 -13.33 2.78 -6.85
C ILE A 130 -14.64 3.52 -7.09
N LEU A 131 -15.35 3.84 -6.00
CA LEU A 131 -16.61 4.55 -6.13
C LEU A 131 -16.39 5.99 -6.63
N ASN A 132 -15.27 6.61 -6.25
CA ASN A 132 -15.01 7.98 -6.73
C ASN A 132 -14.83 8.00 -8.24
N LEU A 133 -14.21 6.95 -8.79
CA LEU A 133 -14.01 6.87 -10.23
C LEU A 133 -15.34 6.61 -10.96
N TYR A 134 -16.17 5.73 -10.41
CA TYR A 134 -17.45 5.41 -11.04
C TYR A 134 -18.54 6.46 -10.82
N ARG A 135 -18.56 7.05 -9.63
CA ARG A 135 -19.57 8.04 -9.28
C ARG A 135 -19.11 9.49 -9.41
N ARG A 136 -17.80 9.67 -9.62
CA ARG A 136 -17.19 11.00 -9.79
C ARG A 136 -17.45 12.03 -8.69
N ALA A 137 -17.61 11.57 -7.45
CA ALA A 137 -17.88 12.48 -6.34
C ALA A 137 -16.78 13.52 -6.14
N THR A 138 -15.52 13.10 -6.14
CA THR A 138 -14.40 14.03 -5.96
C THR A 138 -14.33 15.06 -7.08
N TRP A 139 -14.55 14.61 -8.31
CA TRP A 139 -14.48 15.50 -9.46
C TRP A 139 -15.68 16.44 -9.54
N LEU A 140 -16.84 15.98 -9.09
CA LEU A 140 -18.06 16.79 -9.08
C LEU A 140 -17.97 17.86 -8.03
N HIS A 141 -17.39 17.51 -6.89
CA HIS A 141 -17.21 18.45 -5.81
C HIS A 141 -16.24 19.54 -6.29
N GLN A 142 -15.15 19.14 -6.93
CA GLN A 142 -14.18 20.11 -7.43
C GLN A 142 -14.78 21.03 -8.48
N ALA A 143 -15.54 20.46 -9.40
CA ALA A 143 -16.19 21.24 -10.44
C ALA A 143 -17.00 22.33 -9.75
N LEU A 144 -17.57 22.00 -8.60
CA LEU A 144 -18.36 22.98 -7.84
C LEU A 144 -17.48 24.00 -7.12
N ARG A 145 -16.28 23.59 -6.75
CA ARG A 145 -15.33 24.48 -6.06
C ARG A 145 -14.81 25.52 -7.06
N GLU A 146 -14.80 25.15 -8.33
CA GLU A 146 -14.31 26.03 -9.38
C GLU A 146 -15.37 26.97 -9.93
N GLY A 147 -16.58 26.88 -9.38
CA GLY A 147 -17.65 27.76 -9.81
C GLY A 147 -18.55 27.24 -10.92
N THR A 148 -18.44 25.98 -11.27
CA THR A 148 -19.28 25.43 -12.32
C THR A 148 -20.72 25.50 -11.84
N ARG A 149 -21.61 26.06 -12.67
CA ARG A 149 -23.02 26.16 -12.31
C ARG A 149 -23.78 25.09 -13.07
N VAL A 150 -24.44 24.21 -12.33
CA VAL A 150 -25.17 23.10 -12.91
C VAL A 150 -26.67 23.27 -12.64
N GLN A 151 -27.34 24.03 -13.51
CA GLN A 151 -28.75 24.30 -13.34
C GLN A 151 -29.73 23.34 -14.03
N SER A 152 -29.44 22.95 -15.26
CA SER A 152 -30.33 22.06 -15.99
C SER A 152 -29.86 20.61 -16.00
N VAL A 153 -30.75 19.71 -16.43
CA VAL A 153 -30.41 18.30 -16.51
C VAL A 153 -29.29 18.09 -17.52
N GLU A 154 -29.34 18.84 -18.62
CA GLU A 154 -28.31 18.73 -19.64
C GLU A 154 -26.95 19.04 -19.01
N GLN A 155 -26.91 20.10 -18.21
CA GLN A 155 -25.69 20.51 -17.52
C GLN A 155 -25.24 19.44 -16.53
N ILE A 156 -26.20 18.83 -15.84
CA ILE A 156 -25.88 17.78 -14.87
C ILE A 156 -25.22 16.61 -15.59
N ARG A 157 -25.80 16.20 -16.71
CA ARG A 157 -25.25 15.08 -17.48
C ARG A 157 -23.85 15.37 -18.00
N GLU A 158 -23.61 16.62 -18.40
CA GLU A 158 -22.32 17.01 -18.92
C GLU A 158 -21.25 17.02 -17.82
N VAL A 159 -21.56 17.67 -16.70
CA VAL A 159 -20.60 17.75 -15.61
C VAL A 159 -20.32 16.37 -15.00
N ALA A 160 -21.34 15.51 -14.97
CA ALA A 160 -21.19 14.18 -14.42
C ALA A 160 -20.88 13.15 -15.51
N SER A 161 -20.56 13.64 -16.70
CA SER A 161 -20.26 12.77 -17.83
C SER A 161 -19.23 11.70 -17.44
N GLY A 162 -19.56 10.45 -17.68
CA GLY A 162 -18.65 9.38 -17.33
C GLY A 162 -19.07 8.60 -16.10
N ALA A 163 -19.98 9.17 -15.30
CA ALA A 163 -20.46 8.49 -14.11
C ALA A 163 -21.10 7.21 -14.65
N ALA A 164 -20.74 6.07 -14.09
CA ALA A 164 -21.25 4.81 -14.61
C ALA A 164 -22.03 3.93 -13.64
N ARG A 165 -22.80 3.02 -14.23
CA ARG A 165 -23.60 2.06 -13.47
C ARG A 165 -22.62 0.94 -13.13
N ILE A 166 -22.57 0.59 -11.85
CA ILE A 166 -21.65 -0.46 -11.41
C ILE A 166 -22.10 -1.90 -11.63
N ARG A 167 -23.36 -2.18 -11.36
CA ARG A 167 -23.87 -3.54 -11.52
C ARG A 167 -23.51 -4.12 -12.88
N GLY A 168 -22.86 -5.29 -12.89
CA GLY A 168 -22.50 -5.92 -14.13
C GLY A 168 -21.06 -5.71 -14.50
N GLU A 169 -20.45 -4.67 -13.94
CA GLU A 169 -19.05 -4.37 -14.22
C GLU A 169 -18.17 -5.42 -13.58
N THR A 170 -17.01 -5.66 -14.18
CA THR A 170 -16.08 -6.65 -13.67
C THR A 170 -14.90 -5.99 -12.97
N LEU A 171 -14.74 -6.32 -11.70
CA LEU A 171 -13.63 -5.80 -10.91
C LEU A 171 -12.56 -6.89 -10.88
N GLY A 172 -11.36 -6.55 -11.33
CA GLY A 172 -10.26 -7.48 -11.35
C GLY A 172 -9.30 -7.18 -10.22
N ILE A 173 -9.17 -8.11 -9.30
CA ILE A 173 -8.30 -7.94 -8.13
C ILE A 173 -6.97 -8.67 -8.36
N ILE A 174 -5.87 -7.96 -8.21
CA ILE A 174 -4.55 -8.57 -8.39
C ILE A 174 -3.96 -8.75 -7.00
N GLY A 175 -3.97 -9.99 -6.53
CA GLY A 175 -3.46 -10.29 -5.19
C GLY A 175 -4.65 -10.46 -4.26
N LEU A 176 -5.03 -11.69 -3.95
CA LEU A 176 -6.17 -11.90 -3.07
C LEU A 176 -5.73 -12.29 -1.68
N GLY A 177 -5.01 -11.38 -1.02
CA GLY A 177 -4.56 -11.60 0.34
C GLY A 177 -5.57 -10.99 1.30
N ARG A 178 -5.08 -10.45 2.41
CA ARG A 178 -5.97 -9.85 3.41
C ARG A 178 -6.80 -8.69 2.83
N VAL A 179 -6.15 -7.71 2.22
CA VAL A 179 -6.89 -6.58 1.67
C VAL A 179 -7.71 -6.98 0.43
N GLY A 180 -7.13 -7.81 -0.43
CA GLY A 180 -7.84 -8.24 -1.62
C GLY A 180 -9.15 -8.94 -1.27
N GLN A 181 -9.11 -9.82 -0.28
CA GLN A 181 -10.32 -10.52 0.12
C GLN A 181 -11.35 -9.55 0.70
N ALA A 182 -10.91 -8.59 1.51
CA ALA A 182 -11.84 -7.64 2.08
C ALA A 182 -12.50 -6.78 0.99
N VAL A 183 -11.74 -6.44 -0.04
CA VAL A 183 -12.26 -5.64 -1.15
C VAL A 183 -13.26 -6.44 -1.98
N ALA A 184 -12.93 -7.71 -2.20
CA ALA A 184 -13.79 -8.60 -2.96
C ALA A 184 -15.15 -8.74 -2.28
N LEU A 185 -15.17 -8.90 -0.97
CA LEU A 185 -16.43 -9.04 -0.24
C LEU A 185 -17.26 -7.76 -0.30
N ARG A 186 -16.61 -6.61 -0.20
CA ARG A 186 -17.34 -5.35 -0.28
C ARG A 186 -17.84 -5.09 -1.69
N ALA A 187 -17.00 -5.38 -2.68
CA ALA A 187 -17.36 -5.17 -4.08
C ALA A 187 -18.60 -5.94 -4.50
N LYS A 188 -18.74 -7.17 -3.99
CA LYS A 188 -19.89 -8.02 -4.33
C LYS A 188 -21.22 -7.34 -4.03
N ALA A 189 -21.27 -6.60 -2.93
CA ALA A 189 -22.47 -5.90 -2.52
C ALA A 189 -22.94 -4.82 -3.47
N PHE A 190 -22.06 -4.33 -4.35
CA PHE A 190 -22.45 -3.28 -5.30
C PHE A 190 -22.84 -3.87 -6.65
N GLY A 191 -22.79 -5.19 -6.75
CA GLY A 191 -23.14 -5.85 -7.99
C GLY A 191 -21.98 -6.05 -8.92
N PHE A 192 -20.75 -5.90 -8.41
CA PHE A 192 -19.56 -6.11 -9.23
C PHE A 192 -19.39 -7.61 -9.45
N ASN A 193 -19.00 -7.95 -10.65
CA ASN A 193 -18.55 -9.31 -10.90
C ASN A 193 -17.17 -9.53 -10.31
N VAL A 194 -17.06 -10.20 -9.22
CA VAL A 194 -15.34 -10.16 -9.11
C VAL A 194 -14.41 -11.28 -9.59
N LEU A 195 -13.27 -10.89 -10.17
CA LEU A 195 -12.28 -11.85 -10.66
C LEU A 195 -10.98 -11.52 -9.95
N PHE A 196 -10.13 -12.52 -9.75
CA PHE A 196 -8.83 -12.26 -9.12
C PHE A 196 -7.75 -13.11 -9.74
N TYR A 197 -6.52 -12.60 -9.67
CA TYR A 197 -5.35 -13.29 -10.17
C TYR A 197 -4.38 -13.27 -9.00
N ASP A 198 -3.89 -14.43 -8.60
CA ASP A 198 -2.94 -14.56 -7.49
C ASP A 198 -2.25 -15.91 -7.69
N PRO A 199 -1.11 -15.92 -8.39
CA PRO A 199 -0.32 -17.11 -8.70
C PRO A 199 0.29 -17.89 -7.54
N TYR A 200 0.19 -17.37 -6.32
CA TYR A 200 0.76 -18.05 -5.18
C TYR A 200 -0.23 -18.80 -4.31
N LEU A 201 -1.51 -18.60 -4.54
CA LEU A 201 -2.52 -19.29 -3.73
C LEU A 201 -2.78 -20.70 -4.21
N SER A 202 -3.12 -21.58 -3.27
CA SER A 202 -3.41 -22.97 -3.60
C SER A 202 -4.79 -23.01 -4.27
N ASP A 203 -5.07 -24.06 -5.03
CA ASP A 203 -6.36 -24.12 -5.71
C ASP A 203 -7.51 -24.43 -4.77
N GLY A 204 -8.66 -23.85 -5.07
CA GLY A 204 -9.82 -24.07 -4.23
C GLY A 204 -10.12 -22.84 -3.40
N VAL A 205 -9.13 -21.97 -3.21
CA VAL A 205 -9.36 -20.77 -2.42
C VAL A 205 -10.52 -19.97 -2.99
N GLU A 206 -10.68 -19.97 -4.30
CA GLU A 206 -11.76 -19.23 -4.93
C GLU A 206 -13.17 -19.80 -4.69
N ARG A 207 -13.25 -21.09 -4.38
CA ARG A 207 -14.55 -21.74 -4.14
C ARG A 207 -15.20 -21.29 -2.82
N ALA A 208 -14.44 -21.35 -1.73
CA ALA A 208 -14.97 -20.96 -0.43
C ALA A 208 -15.52 -19.54 -0.43
N LEU A 209 -14.90 -18.69 -1.25
CA LEU A 209 -15.29 -17.28 -1.33
C LEU A 209 -16.26 -16.97 -2.47
N GLY A 210 -16.53 -17.95 -3.32
CA GLY A 210 -17.46 -17.74 -4.42
C GLY A 210 -17.00 -16.70 -5.44
N LEU A 211 -15.69 -16.69 -5.71
CA LEU A 211 -15.12 -15.74 -6.67
C LEU A 211 -14.62 -16.49 -7.88
N GLN A 212 -14.40 -15.77 -8.97
CA GLN A 212 -13.86 -16.39 -10.17
C GLN A 212 -12.36 -16.11 -10.17
N ARG A 213 -11.57 -17.11 -10.49
CA ARG A 213 -10.13 -16.96 -10.51
C ARG A 213 -9.61 -17.14 -11.93
N VAL A 214 -8.62 -16.34 -12.32
CA VAL A 214 -8.03 -16.48 -13.64
C VAL A 214 -6.58 -16.89 -13.43
N SER A 215 -6.03 -17.61 -14.40
CA SER A 215 -4.67 -18.13 -14.33
C SER A 215 -3.54 -17.18 -14.65
N THR A 216 -3.80 -16.11 -15.39
CA THR A 216 -2.72 -15.18 -15.74
C THR A 216 -3.14 -13.73 -15.61
N LEU A 217 -2.14 -12.86 -15.52
CA LEU A 217 -2.36 -11.44 -15.41
C LEU A 217 -3.06 -10.91 -16.66
N GLN A 218 -2.65 -11.42 -17.81
CA GLN A 218 -3.25 -10.99 -19.07
C GLN A 218 -4.76 -11.27 -19.10
N ASP A 219 -5.16 -12.44 -18.61
CA ASP A 219 -6.59 -12.78 -18.59
C ASP A 219 -7.34 -11.80 -17.67
N LEU A 220 -6.75 -11.48 -16.52
CA LEU A 220 -7.40 -10.56 -15.60
C LEU A 220 -7.58 -9.18 -16.23
N LEU A 221 -6.52 -8.66 -16.84
CA LEU A 221 -6.59 -7.34 -17.47
C LEU A 221 -7.57 -7.31 -18.65
N PHE A 222 -7.59 -8.39 -19.41
CA PHE A 222 -8.47 -8.48 -20.58
C PHE A 222 -9.96 -8.44 -20.23
N HIS A 223 -10.33 -9.03 -19.09
CA HIS A 223 -11.74 -9.08 -18.69
C HIS A 223 -12.23 -8.07 -17.66
N SER A 224 -11.33 -7.25 -17.14
CA SER A 224 -11.73 -6.28 -16.11
C SER A 224 -12.02 -4.86 -16.57
N ASP A 225 -13.06 -4.27 -16.00
CA ASP A 225 -13.45 -2.89 -16.32
C ASP A 225 -12.74 -1.98 -15.33
N CYS A 226 -12.43 -2.53 -14.16
CA CYS A 226 -11.72 -1.79 -13.12
C CYS A 226 -10.70 -2.76 -12.52
N VAL A 227 -9.43 -2.35 -12.52
CA VAL A 227 -8.34 -3.18 -11.98
C VAL A 227 -7.84 -2.59 -10.68
N THR A 228 -7.75 -3.41 -9.64
CA THR A 228 -7.26 -2.96 -8.33
C THR A 228 -6.06 -3.81 -7.90
N LEU A 229 -5.00 -3.15 -7.44
CA LEU A 229 -3.78 -3.82 -7.00
C LEU A 229 -3.77 -4.02 -5.50
N HIS A 230 -3.51 -5.26 -5.09
CA HIS A 230 -3.49 -5.61 -3.67
C HIS A 230 -2.43 -6.67 -3.38
N CYS A 231 -1.35 -6.63 -4.13
CA CYS A 231 -0.27 -7.59 -3.95
C CYS A 231 0.91 -6.89 -3.29
N GLY A 232 1.75 -7.68 -2.62
CA GLY A 232 2.93 -7.09 -2.02
C GLY A 232 3.89 -6.85 -3.16
N LEU A 233 4.78 -5.87 -3.02
CA LEU A 233 5.76 -5.58 -4.07
C LEU A 233 6.96 -6.49 -3.79
N ASN A 234 7.23 -7.40 -4.71
CA ASN A 234 8.36 -8.31 -4.56
C ASN A 234 9.33 -8.27 -5.73
N GLU A 235 10.31 -9.16 -5.72
CA GLU A 235 11.32 -9.20 -6.77
C GLU A 235 10.80 -9.53 -8.16
N HIS A 236 9.61 -10.11 -8.24
CA HIS A 236 9.04 -10.49 -9.54
C HIS A 236 7.92 -9.61 -10.10
N ASN A 237 7.44 -8.63 -9.33
CA ASN A 237 6.36 -7.81 -9.86
C ASN A 237 6.61 -6.31 -9.93
N HIS A 238 7.86 -5.88 -9.94
CA HIS A 238 8.13 -4.46 -10.06
C HIS A 238 7.62 -4.07 -11.45
N HIS A 239 6.84 -2.99 -11.50
CA HIS A 239 6.27 -2.52 -12.76
C HIS A 239 5.40 -3.60 -13.40
N LEU A 240 4.59 -4.26 -12.58
CA LEU A 240 3.68 -5.29 -13.06
C LEU A 240 2.81 -4.65 -14.14
N ILE A 241 2.47 -3.38 -13.92
CA ILE A 241 1.68 -2.63 -14.88
C ILE A 241 2.68 -1.74 -15.62
N ASN A 242 2.92 -2.04 -16.89
CA ASN A 242 3.87 -1.29 -17.69
C ASN A 242 3.30 -0.99 -19.07
N ASP A 243 4.15 -0.62 -20.01
CA ASP A 243 3.69 -0.33 -21.37
C ASP A 243 3.12 -1.56 -22.06
N PHE A 244 3.73 -2.71 -21.82
CA PHE A 244 3.24 -3.96 -22.43
C PHE A 244 1.94 -4.37 -21.76
N THR A 245 1.94 -4.38 -20.43
CA THR A 245 0.78 -4.75 -19.65
C THR A 245 -0.41 -3.82 -19.83
N VAL A 246 -0.16 -2.51 -19.83
CA VAL A 246 -1.25 -1.54 -19.99
C VAL A 246 -2.04 -1.77 -21.29
N LYS A 247 -1.36 -2.26 -22.32
CA LYS A 247 -2.01 -2.53 -23.60
C LYS A 247 -2.97 -3.73 -23.53
N GLN A 248 -2.85 -4.54 -22.50
CA GLN A 248 -3.72 -5.70 -22.35
C GLN A 248 -5.03 -5.35 -21.63
N MET A 249 -5.10 -4.13 -21.11
CA MET A 249 -6.29 -3.67 -20.39
C MET A 249 -7.37 -3.21 -21.35
N ARG A 250 -8.62 -3.28 -20.89
CA ARG A 250 -9.75 -2.87 -21.71
C ARG A 250 -9.67 -1.37 -21.96
N GLN A 251 -10.27 -0.94 -23.08
CA GLN A 251 -10.31 0.47 -23.42
C GLN A 251 -11.29 1.16 -22.48
N GLY A 252 -10.83 2.21 -21.82
CA GLY A 252 -11.68 2.94 -20.89
C GLY A 252 -11.76 2.28 -19.52
N ALA A 253 -10.76 1.47 -19.20
CA ALA A 253 -10.72 0.79 -17.92
C ALA A 253 -10.22 1.71 -16.82
N PHE A 254 -10.58 1.40 -15.57
CA PHE A 254 -10.16 2.18 -14.41
C PHE A 254 -9.03 1.43 -13.71
N LEU A 255 -8.09 2.16 -13.13
CA LEU A 255 -7.00 1.55 -12.40
C LEU A 255 -6.95 2.13 -10.99
N VAL A 256 -6.86 1.24 -10.00
CA VAL A 256 -6.79 1.68 -8.62
C VAL A 256 -5.57 1.02 -8.00
N ASN A 257 -4.80 1.80 -7.26
CA ASN A 257 -3.62 1.25 -6.61
C ASN A 257 -3.39 1.76 -5.19
N THR A 258 -3.68 0.90 -4.21
CA THR A 258 -3.46 1.23 -2.81
C THR A 258 -2.47 0.24 -2.22
N ALA A 259 -1.75 -0.45 -3.10
CA ALA A 259 -0.76 -1.43 -2.67
C ALA A 259 0.64 -0.81 -2.57
N ARG A 260 1.37 -0.78 -3.67
CA ARG A 260 2.71 -0.19 -3.67
C ARG A 260 3.02 0.54 -4.97
N GLY A 261 3.60 1.72 -4.87
CA GLY A 261 3.96 2.43 -6.09
C GLY A 261 5.09 1.58 -6.61
N GLY A 262 5.38 1.61 -7.89
CA GLY A 262 6.49 0.78 -8.32
C GLY A 262 5.97 -0.52 -8.88
N LEU A 263 4.69 -0.79 -8.65
CA LEU A 263 4.04 -1.96 -9.22
C LEU A 263 3.54 -1.38 -10.54
N VAL A 264 3.50 -0.05 -10.58
CA VAL A 264 3.03 0.68 -11.74
C VAL A 264 4.03 1.64 -12.37
N ASP A 265 4.23 1.53 -13.68
CA ASP A 265 5.13 2.41 -14.41
C ASP A 265 4.36 3.70 -14.68
N GLU A 266 4.64 4.74 -13.89
CA GLU A 266 3.97 6.03 -14.02
C GLU A 266 3.97 6.58 -15.45
N LYS A 267 5.04 6.32 -16.19
CA LYS A 267 5.15 6.79 -17.56
C LYS A 267 4.10 6.13 -18.45
N ALA A 268 3.92 4.83 -18.28
CA ALA A 268 2.93 4.10 -19.07
C ALA A 268 1.52 4.54 -18.69
N LEU A 269 1.31 4.78 -17.41
CA LEU A 269 0.01 5.22 -16.90
C LEU A 269 -0.34 6.61 -17.43
N ALA A 270 0.61 7.54 -17.33
CA ALA A 270 0.42 8.91 -17.79
C ALA A 270 -0.05 8.93 -19.25
N GLN A 271 0.68 8.27 -20.12
CA GLN A 271 0.34 8.19 -21.54
C GLN A 271 -1.08 7.65 -21.71
N ALA A 272 -1.32 6.49 -21.08
CA ALA A 272 -2.62 5.84 -21.15
C ALA A 272 -3.75 6.79 -20.76
N LEU A 273 -3.56 7.54 -19.67
CA LEU A 273 -4.59 8.48 -19.24
C LEU A 273 -4.74 9.59 -20.28
N LYS A 274 -3.62 10.05 -20.83
CA LYS A 274 -3.64 11.11 -21.84
C LYS A 274 -4.31 10.62 -23.12
N GLU A 275 -4.04 9.37 -23.49
CA GLU A 275 -4.61 8.76 -24.70
C GLU A 275 -6.04 8.29 -24.49
N GLY A 276 -6.49 8.25 -23.24
CA GLY A 276 -7.85 7.81 -22.96
C GLY A 276 -7.99 6.29 -22.92
N ARG A 277 -6.87 5.59 -23.02
CA ARG A 277 -6.89 4.13 -22.98
C ARG A 277 -7.31 3.70 -21.56
N ILE A 278 -7.02 4.57 -20.59
CA ILE A 278 -7.41 4.35 -19.22
C ILE A 278 -8.24 5.58 -18.89
N ARG A 279 -9.51 5.34 -18.58
CA ARG A 279 -10.47 6.40 -18.29
C ARG A 279 -10.15 7.19 -17.02
N GLY A 280 -9.57 6.52 -16.03
CA GLY A 280 -9.23 7.20 -14.79
C GLY A 280 -8.43 6.31 -13.86
N ALA A 281 -7.69 6.92 -12.94
CA ALA A 281 -6.90 6.15 -11.99
C ALA A 281 -6.92 6.82 -10.62
N ALA A 282 -6.88 6.00 -9.59
CA ALA A 282 -6.88 6.47 -8.20
C ALA A 282 -5.68 5.82 -7.54
N LEU A 283 -4.71 6.65 -7.14
CA LEU A 283 -3.49 6.14 -6.53
C LEU A 283 -3.19 6.67 -5.13
N ASP A 284 -3.04 5.76 -4.17
CA ASP A 284 -2.71 6.17 -2.81
C ASP A 284 -1.20 6.00 -2.65
N VAL A 285 -0.59 5.28 -3.58
CA VAL A 285 0.84 5.03 -3.55
C VAL A 285 1.45 5.42 -4.89
N HIS A 286 2.73 5.78 -4.87
CA HIS A 286 3.41 6.22 -6.07
C HIS A 286 4.86 5.76 -6.08
N GLU A 287 5.48 5.74 -7.25
CA GLU A 287 6.86 5.31 -7.37
C GLU A 287 7.76 6.17 -6.52
N SER A 288 7.47 7.48 -6.49
CA SER A 288 8.23 8.40 -5.68
C SER A 288 7.31 9.10 -4.68
N GLU A 289 7.61 8.91 -3.41
CA GLU A 289 6.82 9.52 -2.33
C GLU A 289 7.74 10.34 -1.45
N PRO A 290 7.24 11.46 -0.89
CA PRO A 290 5.90 12.03 -1.04
C PRO A 290 5.52 12.42 -2.47
N PHE A 291 4.24 12.30 -2.78
CA PHE A 291 3.74 12.63 -4.10
C PHE A 291 3.44 14.11 -4.30
N SER A 292 3.55 14.58 -5.54
CA SER A 292 3.28 15.97 -5.89
C SER A 292 2.68 16.09 -7.29
N PHE A 293 1.61 16.86 -7.40
CA PHE A 293 0.95 17.05 -8.70
C PHE A 293 1.75 17.94 -9.66
N SER A 294 2.87 18.47 -9.18
CA SER A 294 3.69 19.33 -10.02
C SER A 294 5.02 18.67 -10.38
N GLN A 295 5.24 17.46 -9.87
CA GLN A 295 6.48 16.73 -10.14
C GLN A 295 6.20 15.30 -10.61
N GLY A 296 7.08 14.77 -11.44
CA GLY A 296 6.93 13.40 -11.92
C GLY A 296 6.19 13.18 -13.23
N PRO A 297 6.12 11.92 -13.69
CA PRO A 297 5.44 11.51 -14.92
C PRO A 297 3.95 11.83 -14.95
N LEU A 298 3.32 11.82 -13.78
CA LEU A 298 1.89 12.10 -13.70
C LEU A 298 1.64 13.60 -13.62
N LYS A 299 2.70 14.37 -13.89
CA LYS A 299 2.68 15.83 -13.89
C LYS A 299 1.34 16.44 -14.29
N ASP A 300 0.94 16.23 -15.54
CA ASP A 300 -0.33 16.78 -16.01
C ASP A 300 -1.20 15.69 -16.64
N ALA A 301 -1.29 14.55 -15.97
CA ALA A 301 -2.11 13.46 -16.46
C ALA A 301 -3.57 13.79 -16.14
N PRO A 302 -4.48 13.52 -17.08
CA PRO A 302 -5.90 13.81 -16.83
C PRO A 302 -6.54 12.69 -16.00
N ASN A 303 -7.74 12.97 -15.49
CA ASN A 303 -8.52 11.99 -14.74
C ASN A 303 -7.70 11.21 -13.72
N LEU A 304 -7.01 11.93 -12.85
CA LEU A 304 -6.17 11.29 -11.84
C LEU A 304 -6.57 11.70 -10.43
N ILE A 305 -6.88 10.73 -9.59
CA ILE A 305 -7.20 11.00 -8.19
C ILE A 305 -6.04 10.42 -7.40
N CYS A 306 -5.53 11.18 -6.44
CA CYS A 306 -4.42 10.72 -5.61
C CYS A 306 -4.62 11.06 -4.14
N THR A 307 -4.00 10.25 -3.28
CA THR A 307 -4.05 10.45 -1.83
C THR A 307 -2.62 10.16 -1.37
N PRO A 308 -2.17 10.84 -0.31
CA PRO A 308 -0.82 10.71 0.27
C PRO A 308 -0.47 9.48 1.10
N HIS A 309 -0.67 8.30 0.51
CA HIS A 309 -0.36 7.05 1.20
C HIS A 309 -1.06 7.05 2.57
N ALA A 310 -2.36 7.29 2.56
CA ALA A 310 -3.15 7.34 3.79
C ALA A 310 -4.24 6.26 3.91
N ALA A 311 -4.31 5.36 2.94
CA ALA A 311 -5.32 4.30 2.96
C ALA A 311 -5.34 3.49 4.26
N TRP A 312 -4.16 3.28 4.84
CA TRP A 312 -4.00 2.49 6.07
C TRP A 312 -4.50 3.19 7.34
N TYR A 313 -4.58 4.50 7.30
CA TYR A 313 -4.90 5.27 8.50
C TYR A 313 -6.30 5.46 9.07
N SER A 314 -6.33 5.29 10.39
CA SER A 314 -7.49 5.52 11.25
C SER A 314 -6.79 5.63 12.59
N GLU A 315 -7.33 6.45 13.49
CA GLU A 315 -6.72 6.60 14.80
C GLU A 315 -6.56 5.23 15.48
N GLN A 316 -7.58 4.38 15.36
CA GLN A 316 -7.54 3.05 15.99
C GLN A 316 -6.51 2.12 15.37
N ALA A 317 -6.38 2.16 14.05
CA ALA A 317 -5.41 1.31 13.36
C ALA A 317 -3.99 1.73 13.74
N SER A 318 -3.76 3.04 13.80
CA SER A 318 -2.45 3.59 14.14
C SER A 318 -2.00 3.13 15.52
N ILE A 319 -2.86 3.31 16.51
CA ILE A 319 -2.58 2.89 17.88
C ILE A 319 -2.40 1.36 17.97
N GLU A 320 -3.27 0.63 17.28
CA GLU A 320 -3.20 -0.83 17.28
C GLU A 320 -1.87 -1.36 16.78
N MET A 321 -1.42 -0.85 15.63
CA MET A 321 -0.17 -1.33 15.07
C MET A 321 1.06 -0.89 15.87
N ARG A 322 1.01 0.33 16.42
CA ARG A 322 2.14 0.80 17.21
C ARG A 322 2.30 -0.03 18.50
N GLU A 323 1.20 -0.39 19.15
CA GLU A 323 1.32 -1.18 20.38
C GLU A 323 1.77 -2.61 20.05
N GLU A 324 1.30 -3.15 18.92
CA GLU A 324 1.70 -4.49 18.50
C GLU A 324 3.20 -4.51 18.17
N ALA A 325 3.66 -3.48 17.48
CA ALA A 325 5.08 -3.37 17.11
C ALA A 325 5.93 -3.30 18.37
N ALA A 326 5.46 -2.52 19.34
CA ALA A 326 6.16 -2.37 20.62
C ALA A 326 6.27 -3.72 21.32
N ARG A 327 5.17 -4.48 21.35
CA ARG A 327 5.20 -5.79 21.99
C ARG A 327 6.16 -6.74 21.29
N GLU A 328 6.18 -6.70 19.95
CA GLU A 328 7.08 -7.57 19.19
C GLU A 328 8.53 -7.22 19.57
N ILE A 329 8.82 -5.93 19.71
CA ILE A 329 10.16 -5.52 20.10
C ILE A 329 10.44 -6.12 21.49
N ARG A 330 9.47 -6.01 22.39
CA ARG A 330 9.59 -6.54 23.74
C ARG A 330 9.85 -8.04 23.75
N ARG A 331 9.18 -8.78 22.87
CA ARG A 331 9.37 -10.22 22.79
C ARG A 331 10.79 -10.57 22.31
N ALA A 332 11.31 -9.77 21.38
CA ALA A 332 12.64 -9.99 20.81
C ALA A 332 13.78 -9.74 21.80
N ILE A 333 13.58 -8.81 22.73
CA ILE A 333 14.60 -8.48 23.72
C ILE A 333 14.50 -9.35 24.97
N THR A 334 13.29 -9.73 25.33
CA THR A 334 13.04 -10.54 26.51
C THR A 334 13.05 -12.04 26.21
N GLY A 335 12.65 -12.39 24.99
CA GLY A 335 12.60 -13.78 24.60
C GLY A 335 13.76 -14.27 23.74
N ARG A 336 13.46 -15.13 22.78
CA ARG A 336 14.48 -15.69 21.90
C ARG A 336 14.16 -15.40 20.44
N ILE A 337 15.16 -14.93 19.70
CA ILE A 337 15.00 -14.62 18.29
C ILE A 337 15.38 -15.83 17.45
N PRO A 338 14.52 -16.22 16.48
CA PRO A 338 13.23 -15.60 16.15
C PRO A 338 12.05 -16.38 16.73
N ASP A 339 12.35 -17.28 17.66
CA ASP A 339 11.32 -18.11 18.28
C ASP A 339 10.15 -17.38 18.95
N SER A 340 10.47 -16.33 19.71
CA SER A 340 9.44 -15.57 20.42
C SER A 340 8.68 -14.56 19.56
N LEU A 341 9.08 -14.43 18.30
CA LEU A 341 8.44 -13.49 17.39
C LEU A 341 7.17 -14.04 16.76
N LYS A 342 6.11 -13.23 16.75
CA LYS A 342 4.84 -13.64 16.18
C LYS A 342 4.68 -13.36 14.70
N ASN A 343 5.34 -12.32 14.19
CA ASN A 343 5.20 -11.96 12.78
C ASN A 343 6.53 -11.74 12.07
N CYS A 344 7.57 -12.57 12.29
CA CYS A 344 8.79 -12.42 11.52
C CYS A 344 8.61 -12.98 10.11
N VAL A 345 9.03 -12.20 9.32
CA VAL A 345 8.88 -12.54 7.92
C VAL A 345 10.19 -13.07 7.34
N ASN A 346 11.14 -13.36 8.22
CA ASN A 346 12.47 -13.87 7.87
C ASN A 346 13.20 -13.04 6.82
PA NAD B . -0.92 -9.92 1.89
O1A NAD B . 0.44 -10.39 2.16
O2A NAD B . -1.94 -10.54 2.79
O5B NAD B . -1.39 -10.36 0.44
C5B NAD B . -0.67 -9.96 -0.75
C4B NAD B . -1.16 -10.97 -1.77
O4B NAD B . -0.55 -10.69 -3.06
C3B NAD B . -0.76 -12.42 -1.46
O3B NAD B . -1.93 -13.29 -1.43
C2B NAD B . 0.23 -12.71 -2.58
O2B NAD B . 0.30 -14.10 -2.91
C1B NAD B . -0.33 -11.86 -3.72
N9A NAD B . 0.63 -11.56 -4.76
C8A NAD B . 1.98 -11.36 -4.61
N7A NAD B . 2.60 -11.11 -5.77
C5A NAD B . 1.57 -11.16 -6.69
C6A NAD B . 1.54 -10.98 -8.11
N6A NAD B . 2.62 -10.71 -8.87
N1A NAD B . 0.32 -11.10 -8.74
C2A NAD B . -0.79 -11.38 -7.98
N3A NAD B . -0.85 -11.57 -6.67
C4A NAD B . 0.35 -11.45 -6.08
O3 NAD B . -0.96 -8.33 1.98
PN NAD B . -2.29 -7.58 2.44
O1N NAD B . -3.47 -7.25 1.60
O2N NAD B . -2.13 -6.81 3.71
O5D NAD B . -1.50 -6.40 1.59
C5D NAD B . -1.66 -6.18 0.13
C4D NAD B . -0.79 -5.01 -0.36
O4D NAD B . -1.33 -3.74 0.08
C3D NAD B . 0.69 -5.00 0.05
O3D NAD B . 1.52 -4.55 -1.05
C2D NAD B . 0.73 -3.98 1.16
O2D NAD B . 2.05 -3.42 1.31
C1D NAD B . -0.29 -2.97 0.67
N1N NAD B . -0.81 -2.12 1.75
C2N NAD B . -0.92 -0.72 1.53
C3N NAD B . -1.42 0.19 2.55
C7N NAD B . -1.47 1.64 2.18
O7N NAD B . -1.87 2.36 3.09
N7N NAD B . -1.13 2.14 0.96
C4N NAD B . -1.81 -0.36 3.87
C5N NAD B . -1.68 -1.86 4.03
C6N NAD B . -1.22 -2.63 3.03
C ACY C . 1.97 0.44 4.85
O ACY C . 2.83 -0.70 5.37
OXT ACY C . 1.92 0.96 3.40
CH3 ACY C . 1.11 1.08 5.91
#